data_6G3S
#
_entry.id   6G3S
#
_cell.length_a   69.900
_cell.length_b   70.967
_cell.length_c   99.295
_cell.angle_alpha   90.00
_cell.angle_beta   90.00
_cell.angle_gamma   90.00
#
_symmetry.space_group_name_H-M   'P 21 21 21'
#
loop_
_entity.id
_entity.type
_entity.pdbx_description
1 polymer 'Heat shock 70 kDa protein 1A'
2 non-polymer "ADENOSINE-5'-DIPHOSPHATE"
3 non-polymer 'MAGNESIUM ION'
4 non-polymer 'PHOSPHATE ION'
5 non-polymer 'SODIUM ION'
6 non-polymer 6-tungstotellurate(VI)
7 water water
#
_entity_poly.entity_id   1
_entity_poly.type   'polypeptide(L)'
_entity_poly.pdbx_seq_one_letter_code
;KAAAIGIDLGTTYSCVGVFQHGKVEIIANDQGNRTTPSYVAFTDTERLIGDAAKNQVALNPQNTVFDAKRLIGRKFGDPV
VQSDMKHWPFQVINDGDKPKVQVSYKGETKAFYPEEISSMVLTKMKEIAEAYLGYPVTNAVITVPAYFNDSQRQATKDAG
VIAGLNVLRIINEPTAAAIAYGLDRTGKGERNVLIFDLGGGTFDVSILTIDDGIFEVKATAGDTHLGGEDFDNRLVNHFV
EEFKRKHKKDISQNKRAVRRLRTACERAKRTLSSSTQASLEIDSLFEGIDFYTSITRARFEELCSDLFRSTLEPVEKALR
DAKLDKAQIHDLVLVGGSTRIPKVQKLLQDFFNGRDLNKSINPDEAVAYGAAVQAAILMG
;
_entity_poly.pdbx_strand_id   A
#
# COMPACT_ATOMS: atom_id res chain seq x y z
N ALA A 2 -5.45 3.27 -28.61
CA ALA A 2 -4.31 2.89 -27.72
C ALA A 2 -4.44 3.56 -26.34
N ALA A 3 -4.89 2.81 -25.35
CA ALA A 3 -5.36 3.41 -24.13
C ALA A 3 -4.23 3.75 -23.19
N ALA A 4 -4.51 4.72 -22.34
CA ALA A 4 -3.62 5.07 -21.28
C ALA A 4 -3.99 4.27 -20.05
N ILE A 5 -3.02 4.06 -19.15
CA ILE A 5 -3.22 3.27 -17.94
C ILE A 5 -3.20 4.13 -16.68
N GLY A 6 -3.83 3.62 -15.63
CA GLY A 6 -3.87 4.25 -14.31
C GLY A 6 -3.07 3.35 -13.37
N ILE A 7 -2.10 3.93 -12.66
CA ILE A 7 -1.25 3.16 -11.79
C ILE A 7 -1.24 3.74 -10.38
N ASP A 8 -1.54 2.87 -9.42
CA ASP A 8 -1.30 3.15 -8.02
C ASP A 8 0.05 2.58 -7.67
N LEU A 9 1.01 3.45 -7.44
CA LEU A 9 2.33 3.04 -7.12
C LEU A 9 2.33 3.09 -5.62
N GLY A 10 2.15 1.93 -5.02
CA GLY A 10 1.93 1.87 -3.57
C GLY A 10 3.15 1.65 -2.70
N THR A 11 3.08 2.12 -1.47
CA THR A 11 4.16 1.83 -0.54
C THR A 11 4.44 0.35 -0.46
N THR A 12 3.37 -0.43 -0.21
CA THR A 12 3.44 -1.91 -0.03
C THR A 12 2.80 -2.64 -1.21
N TYR A 13 1.69 -2.16 -1.78
CA TYR A 13 1.17 -2.81 -3.00
C TYR A 13 0.78 -1.84 -4.10
N SER A 14 1.04 -2.24 -5.34
CA SER A 14 0.68 -1.49 -6.53
C SER A 14 -0.37 -2.20 -7.36
N CYS A 15 -1.03 -1.43 -8.20
CA CYS A 15 -2.23 -1.87 -8.90
C CYS A 15 -2.33 -1.10 -10.22
N VAL A 16 -2.69 -1.79 -11.29
CA VAL A 16 -2.86 -1.12 -12.59
C VAL A 16 -4.25 -1.34 -13.16
N GLY A 17 -4.86 -0.28 -13.68
CA GLY A 17 -6.14 -0.35 -14.37
C GLY A 17 -6.16 0.37 -15.73
N VAL A 18 -7.19 0.12 -16.53
CA VAL A 18 -7.39 0.73 -17.86
C VAL A 18 -8.91 0.87 -18.04
N PHE A 19 -9.35 2.01 -18.50
CA PHE A 19 -10.76 2.27 -18.82
C PHE A 19 -10.96 1.82 -20.25
N GLN A 20 -11.92 0.94 -20.51
CA GLN A 20 -12.19 0.44 -21.87
C GLN A 20 -13.65 0.22 -21.98
N HIS A 21 -14.28 0.78 -23.02
CA HIS A 21 -15.70 0.56 -23.28
C HIS A 21 -16.60 1.06 -22.15
N GLY A 22 -16.34 2.27 -21.65
CA GLY A 22 -17.15 2.88 -20.59
C GLY A 22 -16.95 2.36 -19.16
N LYS A 23 -16.02 1.42 -18.97
CA LYS A 23 -15.83 0.79 -17.65
C LYS A 23 -14.35 0.59 -17.39
N VAL A 24 -14.03 0.52 -16.11
CA VAL A 24 -12.69 0.27 -15.64
C VAL A 24 -12.37 -1.21 -15.48
N GLU A 25 -11.24 -1.59 -15.99
CA GLU A 25 -10.76 -2.95 -15.86
C GLU A 25 -9.40 -3.00 -15.14
N ILE A 26 -9.41 -3.58 -13.96
CA ILE A 26 -8.19 -3.85 -13.16
C ILE A 26 -7.51 -5.13 -13.65
N ILE A 27 -6.26 -5.01 -14.01
CA ILE A 27 -5.51 -6.07 -14.67
C ILE A 27 -4.78 -6.90 -13.60
N ALA A 28 -5.18 -8.15 -13.49
CA ALA A 28 -4.50 -9.16 -12.67
C ALA A 28 -3.05 -9.40 -13.17
N ASN A 29 -2.12 -9.68 -12.25
CA ASN A 29 -0.71 -9.96 -12.61
C ASN A 29 -0.57 -11.44 -13.03
N ASP A 30 0.63 -11.96 -13.26
CA ASP A 30 0.74 -13.33 -13.82
C ASP A 30 0.33 -14.44 -12.83
N GLN A 31 0.23 -14.14 -11.54
CA GLN A 31 -0.20 -15.09 -10.56
C GLN A 31 -1.72 -14.92 -10.32
N GLY A 32 -2.36 -14.02 -11.08
CA GLY A 32 -3.77 -13.78 -10.95
C GLY A 32 -4.15 -12.81 -9.84
N ASN A 33 -3.20 -12.07 -9.28
CA ASN A 33 -3.52 -11.12 -8.22
C ASN A 33 -3.73 -9.71 -8.84
N ARG A 34 -4.70 -9.00 -8.29
CA ARG A 34 -5.09 -7.72 -8.77
C ARG A 34 -4.22 -6.63 -8.18
N THR A 35 -3.48 -6.96 -7.14
CA THR A 35 -2.35 -6.14 -6.72
C THR A 35 -1.02 -6.92 -6.68
N THR A 36 0.08 -6.18 -6.78
CA THR A 36 1.43 -6.68 -6.89
C THR A 36 2.25 -5.95 -5.79
N PRO A 37 2.97 -6.70 -4.94
CA PRO A 37 3.84 -6.07 -3.92
C PRO A 37 4.95 -5.24 -4.56
N SER A 38 5.30 -4.14 -3.91
CA SER A 38 6.23 -3.17 -4.39
C SER A 38 7.62 -3.57 -3.92
N TYR A 39 8.06 -4.74 -4.41
CA TYR A 39 9.28 -5.44 -3.96
C TYR A 39 10.12 -5.64 -5.22
N VAL A 40 11.41 -5.33 -5.16
CA VAL A 40 12.35 -5.71 -6.21
C VAL A 40 13.41 -6.53 -5.51
N ALA A 41 13.69 -7.71 -6.07
CA ALA A 41 14.83 -8.57 -5.58
C ALA A 41 15.93 -8.83 -6.63
N PHE A 42 17.17 -8.89 -6.17
CA PHE A 42 18.33 -9.14 -7.00
C PHE A 42 19.09 -10.35 -6.45
N THR A 43 19.45 -11.25 -7.37
CA THR A 43 20.12 -12.51 -7.05
C THR A 43 21.37 -12.64 -7.88
N ASP A 44 22.08 -13.73 -7.71
CA ASP A 44 23.20 -14.02 -8.58
C ASP A 44 22.84 -14.06 -10.08
N THR A 45 21.60 -14.38 -10.46
CA THR A 45 21.26 -14.60 -11.88
C THR A 45 20.21 -13.67 -12.43
N GLU A 46 19.26 -13.23 -11.61
CA GLU A 46 18.09 -12.49 -12.11
C GLU A 46 17.67 -11.37 -11.19
N ARG A 47 16.86 -10.51 -11.77
CA ARG A 47 16.15 -9.46 -11.10
C ARG A 47 14.68 -9.91 -11.10
N LEU A 48 14.01 -9.70 -9.94
CA LEU A 48 12.68 -10.18 -9.69
C LEU A 48 11.83 -9.03 -9.17
N ILE A 49 10.58 -8.95 -9.65
CA ILE A 49 9.62 -7.90 -9.24
C ILE A 49 8.30 -8.50 -8.80
N GLY A 50 7.70 -7.93 -7.76
CA GLY A 50 6.36 -8.30 -7.38
C GLY A 50 6.34 -9.55 -6.55
N ASP A 51 5.39 -10.41 -6.81
CA ASP A 51 5.22 -11.68 -6.09
C ASP A 51 6.46 -12.57 -6.01
N ALA A 52 7.13 -12.78 -7.14
CA ALA A 52 8.39 -13.56 -7.19
C ALA A 52 9.45 -12.93 -6.31
N ALA A 53 9.52 -11.60 -6.26
CA ALA A 53 10.47 -10.97 -5.36
C ALA A 53 10.09 -11.14 -3.87
N LYS A 54 8.79 -11.00 -3.52
CA LYS A 54 8.36 -11.16 -2.13
C LYS A 54 8.49 -12.59 -1.69
N ASN A 55 8.27 -13.54 -2.58
CA ASN A 55 8.30 -15.00 -2.25
C ASN A 55 9.68 -15.59 -1.87
N GLN A 56 10.77 -14.85 -2.13
CA GLN A 56 12.11 -15.29 -1.76
C GLN A 56 12.73 -14.37 -0.72
N VAL A 57 11.97 -13.44 -0.16
CA VAL A 57 12.53 -12.46 0.75
C VAL A 57 13.30 -13.13 1.93
N ALA A 58 12.74 -14.21 2.47
CA ALA A 58 13.30 -14.90 3.67
C ALA A 58 14.79 -15.42 3.46
N LEU A 59 15.06 -15.80 2.21
CA LEU A 59 16.36 -16.32 1.77
C LEU A 59 17.32 -15.27 1.18
N ASN A 60 16.92 -14.01 1.14
CA ASN A 60 17.69 -13.00 0.44
C ASN A 60 17.42 -11.64 1.01
N PRO A 61 17.56 -11.49 2.33
CA PRO A 61 17.19 -10.21 2.93
C PRO A 61 18.01 -8.97 2.50
N GLN A 62 19.32 -9.07 2.32
CA GLN A 62 20.16 -7.91 1.92
C GLN A 62 19.92 -7.39 0.53
N ASN A 63 19.42 -8.26 -0.36
CA ASN A 63 19.21 -7.91 -1.77
C ASN A 63 17.74 -7.86 -2.24
N THR A 64 16.80 -7.91 -1.28
CA THR A 64 15.40 -7.83 -1.55
C THR A 64 14.94 -6.46 -1.02
N VAL A 65 14.57 -5.57 -1.94
CA VAL A 65 14.30 -4.15 -1.65
C VAL A 65 12.78 -3.89 -1.66
N PHE A 66 12.33 -3.05 -0.75
CA PHE A 66 10.96 -2.58 -0.68
C PHE A 66 10.93 -1.24 0.04
N ASP A 67 9.75 -0.66 0.20
CA ASP A 67 9.57 0.61 0.87
C ASP A 67 10.32 1.78 0.17
N ALA A 68 10.71 1.59 -1.10
CA ALA A 68 11.29 2.68 -1.93
C ALA A 68 10.47 3.98 -1.80
N LYS A 69 9.13 3.87 -1.78
CA LYS A 69 8.28 5.09 -1.61
C LYS A 69 8.53 5.89 -0.32
N ARG A 70 9.10 5.32 0.73
CA ARG A 70 9.54 6.14 1.89
C ARG A 70 10.81 6.97 1.64
N LEU A 71 11.58 6.62 0.59
CA LEU A 71 12.80 7.34 0.25
C LEU A 71 12.58 8.28 -0.84
N ILE A 72 11.59 8.04 -1.67
CA ILE A 72 11.53 8.71 -2.95
C ILE A 72 11.45 10.22 -2.77
N GLY A 73 12.32 10.93 -3.47
CA GLY A 73 12.34 12.39 -3.54
C GLY A 73 12.85 13.07 -2.28
N ARG A 74 13.46 12.31 -1.37
CA ARG A 74 13.97 12.86 -0.11
C ARG A 74 15.50 12.88 -0.08
N LYS A 75 16.06 13.68 0.82
CA LYS A 75 17.52 13.72 1.08
C LYS A 75 17.91 12.56 1.95
N PHE A 76 19.16 12.13 1.81
CA PHE A 76 19.76 11.13 2.71
C PHE A 76 19.76 11.57 4.17
N GLY A 77 20.12 12.82 4.44
CA GLY A 77 20.16 13.36 5.80
C GLY A 77 18.80 13.69 6.41
N ASP A 78 17.73 13.58 5.62
CA ASP A 78 16.34 13.72 6.12
C ASP A 78 16.17 12.74 7.30
N PRO A 79 15.78 13.27 8.48
CA PRO A 79 15.63 12.36 9.62
C PRO A 79 14.65 11.18 9.39
N VAL A 80 13.62 11.38 8.55
CA VAL A 80 12.69 10.30 8.19
C VAL A 80 13.46 9.11 7.58
N VAL A 81 14.42 9.40 6.72
CA VAL A 81 15.18 8.37 6.01
C VAL A 81 16.14 7.67 6.97
N GLN A 82 16.78 8.45 7.83
CA GLN A 82 17.76 7.93 8.79
C GLN A 82 17.09 7.01 9.75
N SER A 83 15.92 7.38 10.21
CA SER A 83 15.14 6.55 11.10
C SER A 83 14.61 5.26 10.41
N ASP A 84 14.06 5.38 9.21
CA ASP A 84 13.61 4.22 8.42
C ASP A 84 14.73 3.22 8.09
N MET A 85 15.92 3.72 7.83
CA MET A 85 17.08 2.88 7.55
C MET A 85 17.43 1.81 8.57
N LYS A 86 17.14 2.08 9.83
CA LYS A 86 17.42 1.14 10.92
C LYS A 86 16.54 -0.11 10.79
N HIS A 87 15.36 0.03 10.22
CA HIS A 87 14.38 -1.06 10.09
C HIS A 87 14.52 -1.90 8.81
N TRP A 88 15.46 -1.56 7.93
CA TRP A 88 15.58 -2.32 6.68
C TRP A 88 16.81 -3.18 6.69
N PRO A 89 16.73 -4.37 6.14
CA PRO A 89 17.94 -5.21 6.03
C PRO A 89 18.84 -4.90 4.82
N PHE A 90 18.32 -4.15 3.87
CA PHE A 90 19.12 -3.73 2.76
C PHE A 90 19.87 -2.45 3.14
N GLN A 91 21.00 -2.24 2.51
CA GLN A 91 21.84 -1.06 2.73
C GLN A 91 21.30 0.20 2.01
N VAL A 92 21.26 1.33 2.70
CA VAL A 92 21.07 2.63 2.06
C VAL A 92 22.38 3.45 2.19
N ILE A 93 22.92 3.93 1.06
CA ILE A 93 24.12 4.80 1.05
C ILE A 93 23.83 6.24 0.60
N ASN A 94 24.71 7.17 0.99
CA ASN A 94 24.68 8.54 0.45
C ASN A 94 25.32 8.59 -0.95
N ASP A 95 24.69 9.29 -1.87
CA ASP A 95 25.28 9.60 -3.14
C ASP A 95 24.98 11.07 -3.38
N GLY A 96 26.00 11.91 -3.25
CA GLY A 96 25.86 13.37 -3.08
C GLY A 96 24.52 13.91 -2.61
N ASP A 97 24.19 13.75 -1.33
CA ASP A 97 22.93 14.28 -0.72
C ASP A 97 21.68 13.37 -0.87
N LYS A 98 21.72 12.43 -1.83
CA LYS A 98 20.56 11.61 -2.19
C LYS A 98 20.77 10.14 -1.75
N PRO A 99 19.73 9.50 -1.25
CA PRO A 99 19.92 8.11 -0.82
C PRO A 99 19.91 7.19 -2.03
N LYS A 100 20.73 6.14 -1.99
CA LYS A 100 20.61 5.02 -2.90
C LYS A 100 20.62 3.70 -2.16
N VAL A 101 19.90 2.74 -2.75
CA VAL A 101 19.82 1.36 -2.27
CA VAL A 101 19.88 1.40 -2.21
C VAL A 101 20.94 0.61 -2.94
N GLN A 102 21.78 -0.07 -2.15
CA GLN A 102 22.93 -0.86 -2.61
C GLN A 102 22.75 -2.32 -2.26
N VAL A 103 22.95 -3.18 -3.26
CA VAL A 103 22.72 -4.59 -3.21
C VAL A 103 23.79 -5.32 -4.06
N SER A 104 23.74 -6.66 -3.98
CA SER A 104 24.52 -7.53 -4.86
CA SER A 104 24.51 -7.55 -4.86
C SER A 104 23.57 -7.99 -5.94
N TYR A 105 24.05 -8.07 -7.16
CA TYR A 105 23.24 -8.46 -8.27
C TYR A 105 24.13 -9.03 -9.34
N LYS A 106 23.96 -10.28 -9.70
CA LYS A 106 24.83 -10.92 -10.67
C LYS A 106 26.34 -10.83 -10.36
N GLY A 107 26.68 -11.11 -9.10
CA GLY A 107 28.07 -11.13 -8.64
C GLY A 107 28.79 -9.80 -8.60
N GLU A 108 28.04 -8.69 -8.53
CA GLU A 108 28.63 -7.35 -8.37
C GLU A 108 27.80 -6.51 -7.41
N THR A 109 28.39 -5.41 -6.97
CA THR A 109 27.72 -4.43 -6.12
C THR A 109 27.11 -3.34 -7.07
N LYS A 110 25.82 -3.04 -6.93
CA LYS A 110 25.15 -2.08 -7.75
C LYS A 110 24.24 -1.31 -6.87
N ALA A 111 24.04 -0.04 -7.21
CA ALA A 111 23.34 0.93 -6.35
C ALA A 111 22.33 1.64 -7.19
N PHE A 112 21.16 1.89 -6.60
CA PHE A 112 20.02 2.47 -7.34
C PHE A 112 19.28 3.57 -6.56
N TYR A 113 18.89 4.63 -7.25
CA TYR A 113 18.02 5.66 -6.65
C TYR A 113 16.66 5.07 -6.39
N PRO A 114 15.93 5.61 -5.40
CA PRO A 114 14.56 5.08 -5.16
C PRO A 114 13.67 5.12 -6.38
N GLU A 115 13.74 6.19 -7.16
CA GLU A 115 12.93 6.27 -8.36
C GLU A 115 13.35 5.22 -9.44
N GLU A 116 14.58 4.72 -9.39
CA GLU A 116 14.98 3.61 -10.25
C GLU A 116 14.31 2.33 -9.76
N ILE A 117 14.32 2.11 -8.44
CA ILE A 117 13.58 1.01 -7.85
C ILE A 117 12.11 1.12 -8.21
N SER A 118 11.52 2.27 -7.99
CA SER A 118 10.11 2.43 -8.28
C SER A 118 9.78 2.27 -9.75
N SER A 119 10.69 2.65 -10.63
CA SER A 119 10.50 2.45 -12.07
C SER A 119 10.46 0.98 -12.48
N MET A 120 11.14 0.12 -11.73
CA MET A 120 11.12 -1.31 -12.01
C MET A 120 9.72 -1.80 -11.70
N VAL A 121 9.15 -1.29 -10.60
CA VAL A 121 7.82 -1.65 -10.18
C VAL A 121 6.86 -1.19 -11.23
N LEU A 122 7.05 0.07 -11.68
CA LEU A 122 6.19 0.64 -12.68
C LEU A 122 6.34 -0.13 -13.98
N THR A 123 7.53 -0.64 -14.26
CA THR A 123 7.70 -1.44 -15.51
C THR A 123 6.87 -2.73 -15.49
N LYS A 124 6.86 -3.36 -14.33
CA LYS A 124 6.06 -4.56 -14.15
C LYS A 124 4.61 -4.20 -14.46
N MET A 125 4.11 -3.13 -13.82
CA MET A 125 2.72 -2.73 -14.03
C MET A 125 2.43 -2.42 -15.52
N LYS A 126 3.42 -1.84 -16.20
CA LYS A 126 3.27 -1.57 -17.61
C LYS A 126 3.17 -2.87 -18.42
N GLU A 127 4.06 -3.82 -18.16
CA GLU A 127 4.11 -5.07 -18.96
C GLU A 127 2.82 -5.88 -18.86
N ILE A 128 2.30 -5.97 -17.66
CA ILE A 128 1.04 -6.62 -17.35
C ILE A 128 -0.08 -5.96 -18.17
N ALA A 129 -0.13 -4.63 -18.20
CA ALA A 129 -1.12 -3.96 -19.04
C ALA A 129 -0.90 -4.19 -20.54
N GLU A 130 0.36 -4.22 -20.99
CA GLU A 130 0.69 -4.47 -22.42
C GLU A 130 0.28 -5.85 -22.94
N ALA A 131 0.35 -6.87 -22.09
CA ALA A 131 -0.07 -8.21 -22.52
C ALA A 131 -1.62 -8.27 -22.54
N TYR A 132 -2.26 -7.65 -21.55
CA TYR A 132 -3.72 -7.54 -21.50
C TYR A 132 -4.35 -6.81 -22.68
N LEU A 133 -3.75 -5.69 -23.08
CA LEU A 133 -4.24 -4.92 -24.22
C LEU A 133 -3.80 -5.42 -25.63
N GLY A 134 -2.62 -6.02 -25.73
CA GLY A 134 -2.01 -6.46 -26.99
C GLY A 134 -1.15 -5.45 -27.75
N TYR A 135 -0.87 -4.31 -27.10
CA TYR A 135 -0.01 -3.27 -27.69
C TYR A 135 0.82 -2.52 -26.65
N PRO A 136 1.91 -1.88 -27.09
CA PRO A 136 2.70 -1.07 -26.16
C PRO A 136 1.91 0.07 -25.50
N VAL A 137 2.22 0.34 -24.24
CA VAL A 137 1.53 1.37 -23.50
C VAL A 137 2.51 2.48 -23.26
N THR A 138 2.15 3.72 -23.61
CA THR A 138 3.06 4.90 -23.53
C THR A 138 2.59 6.04 -22.61
N ASN A 139 1.37 5.95 -22.11
CA ASN A 139 0.74 7.00 -21.34
C ASN A 139 0.20 6.45 -20.01
N ALA A 140 0.32 7.24 -18.93
CA ALA A 140 -0.18 6.82 -17.66
C ALA A 140 -0.50 8.00 -16.79
N VAL A 141 -1.44 7.82 -15.87
CA VAL A 141 -1.56 8.65 -14.69
C VAL A 141 -0.96 7.84 -13.50
N ILE A 142 -0.29 8.53 -12.58
CA ILE A 142 0.31 7.88 -11.46
C ILE A 142 -0.13 8.60 -10.21
N THR A 143 -0.42 7.82 -9.17
CA THR A 143 -0.91 8.40 -7.95
C THR A 143 0.22 8.55 -6.90
N VAL A 144 -0.02 9.47 -5.99
CA VAL A 144 0.87 9.81 -4.89
C VAL A 144 0.00 10.23 -3.71
N PRO A 145 0.53 10.12 -2.49
CA PRO A 145 -0.28 10.56 -1.34
C PRO A 145 -0.43 12.10 -1.34
N ALA A 146 -1.53 12.58 -0.77
CA ALA A 146 -1.79 14.03 -0.71
C ALA A 146 -0.69 14.82 0.01
N TYR A 147 0.03 14.19 0.94
CA TYR A 147 1.07 14.92 1.67
C TYR A 147 2.38 15.08 0.90
N PHE A 148 2.54 14.37 -0.22
CA PHE A 148 3.80 14.48 -1.00
C PHE A 148 4.17 15.96 -1.37
N ASN A 149 5.37 16.38 -0.99
CA ASN A 149 5.95 17.67 -1.47
C ASN A 149 6.27 17.64 -3.01
N ASP A 150 6.76 18.73 -3.56
CA ASP A 150 7.04 18.81 -5.01
C ASP A 150 8.16 17.89 -5.50
N SER A 151 9.17 17.73 -4.68
CA SER A 151 10.29 16.86 -4.96
C SER A 151 9.88 15.36 -4.95
N GLN A 152 8.93 14.98 -4.08
CA GLN A 152 8.49 13.60 -4.01
C GLN A 152 7.66 13.29 -5.25
N ARG A 153 6.82 14.23 -5.63
CA ARG A 153 6.07 14.17 -6.88
C ARG A 153 7.04 14.09 -8.09
N GLN A 154 8.09 14.93 -8.06
CA GLN A 154 8.99 15.07 -9.19
C GLN A 154 9.71 13.73 -9.37
N ALA A 155 10.20 13.19 -8.27
CA ALA A 155 10.88 11.90 -8.35
C ALA A 155 9.98 10.71 -8.78
N THR A 156 8.74 10.70 -8.38
CA THR A 156 7.79 9.70 -8.84
C THR A 156 7.51 9.86 -10.34
N LYS A 157 7.34 11.09 -10.80
CA LYS A 157 7.11 11.35 -12.22
C LYS A 157 8.35 10.93 -13.01
N ASP A 158 9.55 11.23 -12.50
CA ASP A 158 10.83 10.66 -13.04
C ASP A 158 10.85 9.10 -13.11
N ALA A 159 10.34 8.47 -12.05
CA ALA A 159 10.19 7.00 -12.02
C ALA A 159 9.35 6.52 -13.23
N GLY A 160 8.34 7.30 -13.58
CA GLY A 160 7.50 6.99 -14.72
C GLY A 160 8.24 7.12 -16.04
N VAL A 161 9.05 8.16 -16.17
CA VAL A 161 9.74 8.43 -17.44
C VAL A 161 10.85 7.41 -17.59
N ILE A 162 11.51 7.04 -16.51
CA ILE A 162 12.47 5.92 -16.55
C ILE A 162 11.83 4.59 -16.97
N ALA A 163 10.57 4.37 -16.67
CA ALA A 163 9.92 3.18 -17.21
C ALA A 163 9.42 3.33 -18.68
N GLY A 164 9.78 4.40 -19.39
CA GLY A 164 9.30 4.59 -20.77
C GLY A 164 7.85 5.09 -20.82
N LEU A 165 7.35 5.68 -19.74
CA LEU A 165 6.03 6.31 -19.74
C LEU A 165 6.10 7.82 -19.86
N ASN A 166 5.18 8.40 -20.63
CA ASN A 166 4.81 9.79 -20.45
C ASN A 166 3.77 9.77 -19.32
N VAL A 167 4.05 10.55 -18.29
CA VAL A 167 3.16 10.70 -17.18
C VAL A 167 2.28 11.92 -17.49
N LEU A 168 1.00 11.69 -17.80
CA LEU A 168 -0.03 12.70 -18.14
C LEU A 168 -0.37 13.64 -16.98
N ARG A 169 -0.42 13.07 -15.76
CA ARG A 169 -0.59 13.79 -14.50
CA ARG A 169 -0.52 13.82 -14.50
C ARG A 169 -0.14 12.90 -13.34
N ILE A 170 0.41 13.53 -12.29
CA ILE A 170 0.60 13.00 -10.96
C ILE A 170 -0.64 13.50 -10.22
N ILE A 171 -1.47 12.60 -9.70
N ILE A 171 -1.40 12.58 -9.63
CA ILE A 171 -2.64 13.00 -8.89
CA ILE A 171 -2.66 12.86 -8.93
C ILE A 171 -2.63 12.37 -7.51
C ILE A 171 -2.60 12.36 -7.49
N ASN A 172 -3.29 13.07 -6.60
CA ASN A 172 -3.37 12.70 -5.22
C ASN A 172 -4.17 11.38 -5.09
N GLU A 173 -3.72 10.49 -4.24
CA GLU A 173 -4.46 9.21 -3.97
C GLU A 173 -5.95 9.37 -3.55
N PRO A 174 -6.23 10.20 -2.54
CA PRO A 174 -7.62 10.41 -2.17
C PRO A 174 -8.50 10.96 -3.32
N THR A 175 -7.98 11.85 -4.15
CA THR A 175 -8.70 12.38 -5.34
C THR A 175 -9.06 11.29 -6.33
N ALA A 176 -8.10 10.41 -6.58
CA ALA A 176 -8.34 9.25 -7.44
C ALA A 176 -9.44 8.38 -6.84
N ALA A 177 -9.46 8.20 -5.52
CA ALA A 177 -10.52 7.38 -4.93
C ALA A 177 -11.86 8.11 -5.04
N ALA A 178 -11.87 9.41 -4.81
CA ALA A 178 -13.08 10.18 -5.11
C ALA A 178 -13.57 9.97 -6.53
N ILE A 179 -12.68 10.09 -7.52
CA ILE A 179 -13.08 9.97 -8.93
C ILE A 179 -13.60 8.57 -9.20
N ALA A 180 -13.00 7.56 -8.55
CA ALA A 180 -13.48 6.18 -8.63
C ALA A 180 -14.96 6.13 -8.45
N TYR A 181 -15.39 6.67 -7.30
CA TYR A 181 -16.82 6.66 -6.90
C TYR A 181 -17.73 7.70 -7.62
N GLY A 182 -17.24 8.35 -8.69
CA GLY A 182 -18.06 9.26 -9.51
C GLY A 182 -18.36 10.61 -8.88
N LEU A 183 -17.61 10.97 -7.83
CA LEU A 183 -17.95 12.12 -7.01
C LEU A 183 -17.59 13.49 -7.58
N ASP A 184 -16.81 13.51 -8.66
CA ASP A 184 -16.56 14.68 -9.53
C ASP A 184 -17.66 14.96 -10.59
N ARG A 185 -18.59 14.01 -10.76
CA ARG A 185 -19.67 14.04 -11.75
C ARG A 185 -21.08 14.24 -11.08
N THR A 186 -21.10 14.70 -9.83
CA THR A 186 -22.26 15.46 -9.32
C THR A 186 -21.96 16.91 -9.71
N GLY A 187 -22.96 17.58 -10.25
CA GLY A 187 -22.76 18.83 -10.98
C GLY A 187 -22.70 20.05 -10.07
N LYS A 188 -23.49 21.07 -10.43
CA LYS A 188 -23.72 22.26 -9.59
C LYS A 188 -24.22 21.80 -8.22
N GLY A 189 -23.27 21.58 -7.31
CA GLY A 189 -23.57 21.10 -5.97
C GLY A 189 -22.28 20.78 -5.21
N GLU A 190 -22.13 21.37 -4.02
CA GLU A 190 -20.97 21.22 -3.12
C GLU A 190 -21.15 19.99 -2.19
N ARG A 191 -20.19 19.06 -2.20
N ARG A 191 -20.15 19.11 -2.17
CA ARG A 191 -20.26 17.81 -1.40
CA ARG A 191 -20.21 17.84 -1.43
C ARG A 191 -18.92 17.59 -0.67
C ARG A 191 -18.91 17.61 -0.66
N ASN A 192 -19.03 17.20 0.60
CA ASN A 192 -17.89 16.84 1.47
C ASN A 192 -17.63 15.33 1.50
N VAL A 193 -16.38 14.98 1.18
CA VAL A 193 -15.93 13.61 1.10
C VAL A 193 -14.81 13.32 2.08
N LEU A 194 -14.93 12.24 2.83
CA LEU A 194 -13.84 11.78 3.68
C LEU A 194 -13.26 10.48 3.11
N ILE A 195 -11.95 10.51 2.81
CA ILE A 195 -11.22 9.32 2.40
CA ILE A 195 -11.21 9.32 2.40
C ILE A 195 -10.50 8.71 3.61
N PHE A 196 -10.92 7.50 3.99
CA PHE A 196 -10.26 6.73 5.03
C PHE A 196 -9.38 5.67 4.40
N ASP A 197 -8.05 5.89 4.43
CA ASP A 197 -7.08 5.05 3.66
C ASP A 197 -6.10 4.33 4.57
N LEU A 198 -6.39 3.05 4.83
CA LEU A 198 -5.55 2.22 5.72
C LEU A 198 -5.00 1.16 4.82
N GLY A 199 -3.71 1.26 4.55
CA GLY A 199 -3.04 0.31 3.66
C GLY A 199 -2.07 -0.58 4.39
N GLY A 200 -0.97 -0.95 3.71
CA GLY A 200 0.05 -1.83 4.29
C GLY A 200 0.95 -1.10 5.26
N GLY A 201 1.43 0.07 4.89
CA GLY A 201 2.37 0.81 5.71
C GLY A 201 1.87 2.09 6.32
N THR A 202 0.83 2.67 5.73
CA THR A 202 0.46 4.09 5.95
C THR A 202 -1.05 4.17 6.11
N PHE A 203 -1.48 5.07 7.00
CA PHE A 203 -2.87 5.40 7.23
C PHE A 203 -3.04 6.90 6.89
N ASP A 204 -3.91 7.20 5.95
CA ASP A 204 -4.13 8.61 5.55
C ASP A 204 -5.62 8.87 5.58
N VAL A 205 -5.98 9.97 6.23
CA VAL A 205 -7.33 10.49 6.20
C VAL A 205 -7.27 11.80 5.43
N SER A 206 -8.13 11.92 4.42
CA SER A 206 -8.19 13.15 3.63
C SER A 206 -9.66 13.64 3.55
N ILE A 207 -9.90 14.94 3.78
CA ILE A 207 -11.22 15.51 3.63
C ILE A 207 -11.19 16.39 2.41
N LEU A 208 -12.12 16.14 1.46
CA LEU A 208 -12.19 16.86 0.19
C LEU A 208 -13.50 17.61 0.08
N THR A 209 -13.44 18.79 -0.51
CA THR A 209 -14.68 19.47 -0.95
C THR A 209 -14.62 19.55 -2.47
N ILE A 210 -15.70 19.11 -3.09
CA ILE A 210 -15.87 19.01 -4.55
C ILE A 210 -16.96 19.99 -5.00
N ASP A 211 -16.59 20.97 -5.83
CA ASP A 211 -17.52 22.05 -6.22
C ASP A 211 -17.52 22.26 -7.75
N ASP A 212 -18.66 21.93 -8.38
CA ASP A 212 -18.81 21.87 -9.85
C ASP A 212 -17.87 20.84 -10.51
N GLY A 213 -17.63 19.73 -9.79
CA GLY A 213 -16.57 18.78 -10.14
C GLY A 213 -15.13 19.27 -9.95
N ILE A 214 -14.90 20.32 -9.15
CA ILE A 214 -13.53 20.83 -8.86
C ILE A 214 -13.13 20.42 -7.43
N PHE A 215 -11.85 20.07 -7.24
CA PHE A 215 -11.34 19.47 -6.00
C PHE A 215 -10.56 20.42 -5.12
N GLU A 216 -10.95 20.49 -3.84
CA GLU A 216 -10.20 21.23 -2.84
C GLU A 216 -9.90 20.29 -1.66
N VAL A 217 -8.63 20.28 -1.22
CA VAL A 217 -8.19 19.52 -0.04
C VAL A 217 -8.32 20.42 1.20
N LYS A 218 -9.23 20.05 2.09
CA LYS A 218 -9.45 20.81 3.32
C LYS A 218 -8.60 20.34 4.49
N ALA A 219 -8.39 19.03 4.63
CA ALA A 219 -7.43 18.54 5.64
C ALA A 219 -6.90 17.15 5.32
N THR A 220 -5.69 16.87 5.80
CA THR A 220 -5.10 15.53 5.76
C THR A 220 -4.49 15.25 7.11
N ALA A 221 -4.60 13.99 7.50
CA ALA A 221 -3.98 13.56 8.72
C ALA A 221 -3.76 12.04 8.62
N GLY A 222 -2.84 11.52 9.39
CA GLY A 222 -2.63 10.10 9.32
C GLY A 222 -1.45 9.70 10.11
N ASP A 223 -0.94 8.53 9.80
CA ASP A 223 0.27 8.04 10.41
C ASP A 223 0.90 7.19 9.38
N THR A 224 2.08 7.63 8.97
CA THR A 224 2.85 7.08 7.90
C THR A 224 3.43 5.72 8.31
N HIS A 225 3.42 5.41 9.62
CA HIS A 225 3.85 4.11 10.10
C HIS A 225 2.75 3.32 10.79
N LEU A 226 1.54 3.41 10.29
CA LEU A 226 0.45 2.60 10.78
C LEU A 226 -0.19 1.98 9.58
N GLY A 227 -0.23 0.65 9.57
CA GLY A 227 -0.89 -0.08 8.49
C GLY A 227 -0.88 -1.56 8.72
N GLY A 228 -1.25 -2.32 7.69
CA GLY A 228 -1.41 -3.74 7.73
C GLY A 228 -0.25 -4.50 8.29
N GLU A 229 0.95 -4.12 7.85
CA GLU A 229 2.19 -4.70 8.37
C GLU A 229 2.32 -4.62 9.90
N ASP A 230 1.76 -3.59 10.53
CA ASP A 230 1.91 -3.45 11.96
C ASP A 230 0.97 -4.45 12.63
N PHE A 231 -0.16 -4.74 11.99
CA PHE A 231 -1.07 -5.78 12.49
C PHE A 231 -0.45 -7.18 12.34
N ASP A 232 0.25 -7.38 11.21
CA ASP A 232 1.02 -8.59 10.97
C ASP A 232 2.02 -8.78 12.09
N ASN A 233 2.72 -7.72 12.45
CA ASN A 233 3.72 -7.73 13.48
C ASN A 233 3.15 -8.08 14.88
N ARG A 234 1.89 -7.73 15.18
CA ARG A 234 1.28 -8.19 16.45
C ARG A 234 1.01 -9.66 16.39
N LEU A 235 0.65 -10.14 15.23
CA LEU A 235 0.42 -11.55 15.13
C LEU A 235 1.75 -12.35 15.35
N VAL A 236 2.81 -11.86 14.71
CA VAL A 236 4.13 -12.45 14.87
C VAL A 236 4.49 -12.59 16.37
N ASN A 237 4.39 -11.48 17.12
CA ASN A 237 4.79 -11.45 18.53
C ASN A 237 3.94 -12.41 19.38
N HIS A 238 2.66 -12.51 19.08
CA HIS A 238 1.79 -13.52 19.67
C HIS A 238 2.30 -14.92 19.43
N PHE A 239 2.50 -15.25 18.18
CA PHE A 239 2.97 -16.58 17.83
C PHE A 239 4.43 -16.90 18.26
N VAL A 240 5.32 -15.91 18.28
CA VAL A 240 6.67 -16.04 18.89
C VAL A 240 6.53 -16.57 20.31
N GLU A 241 5.59 -16.01 21.07
CA GLU A 241 5.48 -16.30 22.50
C GLU A 241 4.79 -17.62 22.73
N GLU A 242 3.81 -17.92 21.90
CA GLU A 242 3.22 -19.27 21.87
C GLU A 242 4.24 -20.37 21.54
N PHE A 243 5.22 -20.04 20.71
CA PHE A 243 6.34 -20.93 20.42
C PHE A 243 7.27 -21.15 21.63
N LYS A 244 7.65 -20.06 22.32
CA LYS A 244 8.45 -20.10 23.57
C LYS A 244 7.77 -20.86 24.76
N ARG A 245 6.44 -20.99 24.71
CA ARG A 245 5.69 -21.81 25.67
C ARG A 245 5.57 -23.22 25.14
N LYS A 246 5.11 -23.37 23.91
CA LYS A 246 4.74 -24.68 23.38
C LYS A 246 5.91 -25.59 22.98
N HIS A 247 7.09 -25.01 22.70
CA HIS A 247 8.36 -25.74 22.41
C HIS A 247 9.64 -25.18 23.12
N LYS A 248 9.50 -24.25 24.06
CA LYS A 248 10.59 -23.83 24.96
C LYS A 248 11.82 -23.15 24.31
N LYS A 249 11.62 -22.57 23.11
CA LYS A 249 12.70 -21.91 22.32
C LYS A 249 12.32 -20.49 21.78
N ASP A 250 13.31 -19.60 21.77
CA ASP A 250 13.16 -18.20 21.36
C ASP A 250 13.63 -18.05 19.89
N ILE A 251 12.67 -18.02 18.97
CA ILE A 251 12.94 -17.81 17.53
C ILE A 251 13.18 -16.36 17.10
N SER A 252 12.96 -15.42 18.02
CA SER A 252 13.05 -13.97 17.78
C SER A 252 14.40 -13.51 17.24
N GLN A 253 15.43 -14.33 17.39
CA GLN A 253 16.79 -13.98 16.98
C GLN A 253 17.07 -14.42 15.53
N ASN A 254 16.41 -15.49 15.05
CA ASN A 254 16.66 -16.06 13.70
C ASN A 254 15.82 -15.31 12.62
N LYS A 255 16.45 -14.48 11.80
CA LYS A 255 15.74 -13.63 10.84
C LYS A 255 14.86 -14.41 9.83
N ARG A 256 15.34 -15.54 9.32
CA ARG A 256 14.55 -16.37 8.41
CA ARG A 256 14.52 -16.33 8.38
C ARG A 256 13.20 -16.86 9.00
N ALA A 257 13.27 -17.45 10.20
CA ALA A 257 12.07 -17.93 10.90
C ALA A 257 11.02 -16.82 11.06
N VAL A 258 11.45 -15.73 11.69
CA VAL A 258 10.63 -14.57 11.93
C VAL A 258 9.98 -14.04 10.63
N ARG A 259 10.76 -14.00 9.56
CA ARG A 259 10.27 -13.47 8.28
C ARG A 259 9.28 -14.44 7.59
N ARG A 260 9.49 -15.74 7.71
CA ARG A 260 8.50 -16.73 7.23
C ARG A 260 7.20 -16.74 8.03
N LEU A 261 7.32 -16.59 9.34
CA LEU A 261 6.20 -16.39 10.24
C LEU A 261 5.38 -15.13 9.89
N ARG A 262 6.08 -14.01 9.70
CA ARG A 262 5.49 -12.76 9.21
C ARG A 262 4.61 -13.06 8.01
N THR A 263 5.12 -13.79 7.04
CA THR A 263 4.38 -14.11 5.81
C THR A 263 3.12 -14.95 6.05
N ALA A 264 3.21 -15.94 6.94
CA ALA A 264 2.08 -16.77 7.34
C ALA A 264 0.99 -15.96 8.12
N CYS A 265 1.45 -15.05 8.96
CA CYS A 265 0.57 -14.13 9.68
C CYS A 265 -0.21 -13.24 8.74
N GLU A 266 0.45 -12.71 7.72
CA GLU A 266 -0.19 -11.89 6.71
C GLU A 266 -1.35 -12.67 6.10
N ARG A 267 -1.10 -13.92 5.72
CA ARG A 267 -2.09 -14.72 5.03
C ARG A 267 -3.27 -15.02 6.02
N ALA A 268 -2.91 -15.33 7.26
CA ALA A 268 -3.88 -15.59 8.32
C ALA A 268 -4.73 -14.34 8.65
N LYS A 269 -4.09 -13.16 8.70
CA LYS A 269 -4.81 -11.90 8.83
C LYS A 269 -5.92 -11.75 7.78
N ARG A 270 -5.58 -12.01 6.53
CA ARG A 270 -6.51 -11.85 5.43
C ARG A 270 -7.66 -12.83 5.56
N THR A 271 -7.37 -14.07 5.94
CA THR A 271 -8.45 -15.04 6.17
C THR A 271 -9.45 -14.59 7.28
N LEU A 272 -8.92 -13.99 8.34
CA LEU A 272 -9.75 -13.38 9.41
C LEU A 272 -10.69 -12.25 9.01
N SER A 273 -10.57 -11.68 7.81
CA SER A 273 -11.59 -10.72 7.34
C SER A 273 -12.85 -11.38 6.78
N SER A 274 -12.78 -12.67 6.48
CA SER A 274 -13.88 -13.45 5.92
CA SER A 274 -13.89 -13.45 5.93
C SER A 274 -14.39 -14.61 6.82
N SER A 275 -13.54 -15.12 7.73
CA SER A 275 -13.86 -16.22 8.65
C SER A 275 -13.55 -15.82 10.07
N THR A 276 -14.19 -16.49 11.03
CA THR A 276 -13.99 -16.14 12.45
C THR A 276 -12.74 -16.77 13.08
N GLN A 277 -12.04 -17.58 12.28
CA GLN A 277 -10.82 -18.21 12.70
C GLN A 277 -9.97 -18.63 11.49
N ALA A 278 -8.68 -18.75 11.75
CA ALA A 278 -7.73 -19.15 10.74
C ALA A 278 -6.71 -20.12 11.33
N SER A 279 -6.21 -21.03 10.49
N SER A 279 -6.22 -21.01 10.47
CA SER A 279 -5.12 -21.94 10.86
CA SER A 279 -5.12 -21.91 10.76
C SER A 279 -3.79 -21.43 10.29
C SER A 279 -3.78 -21.28 10.36
N LEU A 280 -2.70 -21.71 11.02
CA LEU A 280 -1.35 -21.31 10.63
C LEU A 280 -0.57 -22.65 10.62
N GLU A 281 0.06 -22.96 9.50
CA GLU A 281 0.67 -24.28 9.24
C GLU A 281 2.05 -24.04 8.62
N ILE A 282 3.09 -24.07 9.46
CA ILE A 282 4.47 -23.82 9.03
C ILE A 282 5.42 -25.05 9.22
N ASP A 283 5.63 -25.76 8.10
CA ASP A 283 6.57 -26.88 7.99
C ASP A 283 8.01 -26.40 8.27
N SER A 284 8.61 -26.91 9.34
CA SER A 284 10.04 -26.69 9.71
C SER A 284 10.39 -25.22 9.96
N LEU A 285 9.79 -24.65 10.99
CA LEU A 285 9.94 -23.23 11.25
C LEU A 285 11.30 -22.96 11.82
N PHE A 286 11.67 -23.69 12.88
CA PHE A 286 12.93 -23.47 13.61
C PHE A 286 13.52 -24.81 14.01
N GLU A 287 14.72 -25.13 13.52
CA GLU A 287 15.47 -26.34 13.94
C GLU A 287 14.64 -27.61 13.76
N GLY A 288 13.96 -27.69 12.60
CA GLY A 288 13.22 -28.89 12.17
C GLY A 288 11.79 -29.00 12.65
N ILE A 289 11.40 -28.10 13.56
CA ILE A 289 10.18 -28.21 14.36
C ILE A 289 9.03 -27.53 13.64
N ASP A 290 8.00 -28.27 13.26
CA ASP A 290 6.75 -27.72 12.72
C ASP A 290 6.06 -26.76 13.73
N PHE A 291 5.33 -25.75 13.21
CA PHE A 291 4.44 -24.89 14.00
C PHE A 291 3.05 -24.90 13.39
N TYR A 292 2.17 -25.66 14.02
CA TYR A 292 0.76 -25.73 13.66
C TYR A 292 -0.02 -25.05 14.84
N THR A 293 -0.88 -24.08 14.52
CA THR A 293 -1.72 -23.42 15.54
C THR A 293 -2.89 -22.69 14.89
N SER A 294 -3.65 -21.96 15.71
CA SER A 294 -4.77 -21.16 15.22
C SER A 294 -5.14 -20.02 16.19
N ILE A 295 -6.06 -19.18 15.71
CA ILE A 295 -6.39 -17.96 16.36
C ILE A 295 -7.76 -17.48 15.82
N THR A 296 -8.52 -16.89 16.71
CA THR A 296 -9.82 -16.33 16.36
C THR A 296 -9.68 -14.89 15.89
N ARG A 297 -10.70 -14.45 15.18
CA ARG A 297 -10.87 -13.06 14.79
C ARG A 297 -10.83 -12.22 16.05
N ALA A 298 -11.66 -12.55 17.03
CA ALA A 298 -11.75 -11.66 18.21
C ALA A 298 -10.41 -11.62 18.93
N ARG A 299 -9.67 -12.73 18.91
CA ARG A 299 -8.33 -12.74 19.57
C ARG A 299 -7.33 -11.82 18.79
N PHE A 300 -7.41 -11.92 17.46
CA PHE A 300 -6.70 -11.00 16.58
C PHE A 300 -7.06 -9.54 16.88
N GLU A 301 -8.35 -9.26 17.00
CA GLU A 301 -8.86 -7.90 17.31
C GLU A 301 -8.34 -7.35 18.64
N GLU A 302 -8.28 -8.18 19.68
CA GLU A 302 -7.66 -7.77 20.95
C GLU A 302 -6.19 -7.45 20.79
N LEU A 303 -5.43 -8.35 20.16
CA LEU A 303 -4.01 -8.04 19.87
C LEU A 303 -3.79 -6.70 19.16
N CYS A 304 -4.76 -6.24 18.37
CA CYS A 304 -4.61 -4.99 17.63
C CYS A 304 -5.45 -3.85 18.18
N SER A 305 -6.13 -4.09 19.32
CA SER A 305 -7.08 -3.14 19.94
CA SER A 305 -7.09 -3.14 19.92
C SER A 305 -6.63 -1.70 19.78
N ASP A 306 -5.49 -1.39 20.35
CA ASP A 306 -4.99 0.00 20.35
C ASP A 306 -4.76 0.59 18.97
N LEU A 307 -4.18 -0.21 18.08
CA LEU A 307 -3.89 0.23 16.76
C LEU A 307 -5.19 0.53 16.01
N PHE A 308 -6.21 -0.34 16.10
CA PHE A 308 -7.45 -0.06 15.42
C PHE A 308 -8.12 1.22 15.97
N ARG A 309 -8.11 1.39 17.30
CA ARG A 309 -8.77 2.55 17.96
C ARG A 309 -7.98 3.81 17.61
N SER A 310 -6.66 3.73 17.51
CA SER A 310 -5.87 4.89 17.10
C SER A 310 -6.19 5.41 15.66
N THR A 311 -6.89 4.65 14.83
CA THR A 311 -7.33 5.25 13.55
C THR A 311 -8.37 6.36 13.72
N LEU A 312 -9.00 6.49 14.89
CA LEU A 312 -10.01 7.55 15.10
C LEU A 312 -9.47 8.94 15.39
N GLU A 313 -8.30 9.05 16.05
CA GLU A 313 -7.77 10.38 16.44
C GLU A 313 -7.52 11.22 15.17
N PRO A 314 -6.91 10.62 14.11
CA PRO A 314 -6.76 11.42 12.91
C PRO A 314 -8.05 11.82 12.17
N VAL A 315 -9.12 11.03 12.30
CA VAL A 315 -10.39 11.39 11.67
C VAL A 315 -10.91 12.63 12.37
N GLU A 316 -11.01 12.58 13.69
CA GLU A 316 -11.39 13.78 14.48
C GLU A 316 -10.57 15.00 14.13
N LYS A 317 -9.26 14.80 13.97
CA LYS A 317 -8.33 15.90 13.77
C LYS A 317 -8.55 16.55 12.45
N ALA A 318 -8.82 15.73 11.45
CA ALA A 318 -9.05 16.23 10.11
C ALA A 318 -10.35 17.01 10.05
N LEU A 319 -11.33 16.53 10.80
CA LEU A 319 -12.61 17.22 10.92
C LEU A 319 -12.49 18.57 11.62
N ARG A 320 -11.71 18.66 12.68
CA ARG A 320 -11.46 19.96 13.29
C ARG A 320 -10.68 20.84 12.32
N ASP A 321 -9.61 20.32 11.72
CA ASP A 321 -8.81 21.13 10.77
C ASP A 321 -9.63 21.59 9.56
N ALA A 322 -10.63 20.80 9.14
CA ALA A 322 -11.54 21.22 8.07
C ALA A 322 -12.73 22.06 8.55
N LYS A 323 -12.93 22.13 9.86
CA LYS A 323 -14.02 22.88 10.51
C LYS A 323 -15.43 22.33 10.13
N LEU A 324 -15.52 21.00 10.09
CA LEU A 324 -16.76 20.26 9.90
C LEU A 324 -17.00 19.28 11.05
N ASP A 325 -18.25 18.86 11.18
CA ASP A 325 -18.64 17.76 12.05
C ASP A 325 -18.93 16.52 11.26
N LYS A 326 -18.72 15.38 11.94
CA LYS A 326 -19.14 14.03 11.49
C LYS A 326 -20.35 14.12 10.57
N ALA A 327 -21.43 14.70 11.07
CA ALA A 327 -22.69 14.76 10.34
C ALA A 327 -22.61 15.44 8.91
N GLN A 328 -21.71 16.40 8.73
CA GLN A 328 -21.66 17.17 7.47
C GLN A 328 -20.83 16.49 6.35
N ILE A 329 -20.33 15.29 6.58
CA ILE A 329 -19.70 14.51 5.52
C ILE A 329 -20.81 13.88 4.67
N HIS A 330 -20.79 14.13 3.37
CA HIS A 330 -21.75 13.48 2.51
C HIS A 330 -21.42 12.01 2.26
N ASP A 331 -20.18 11.75 1.85
CA ASP A 331 -19.71 10.39 1.46
C ASP A 331 -18.49 9.95 2.28
N LEU A 332 -18.57 8.76 2.85
CA LEU A 332 -17.45 8.10 3.49
C LEU A 332 -16.94 7.05 2.55
N VAL A 333 -15.70 7.24 2.08
CA VAL A 333 -15.02 6.28 1.18
C VAL A 333 -13.87 5.51 1.85
N LEU A 334 -14.02 4.20 1.97
CA LEU A 334 -12.95 3.27 2.39
C LEU A 334 -11.96 2.92 1.24
N VAL A 335 -10.68 3.20 1.47
CA VAL A 335 -9.58 2.85 0.53
C VAL A 335 -8.58 2.07 1.35
N GLY A 336 -7.86 1.17 0.68
CA GLY A 336 -6.73 0.46 1.29
C GLY A 336 -7.18 -0.90 1.77
N GLY A 337 -6.32 -1.89 1.54
CA GLY A 337 -6.62 -3.29 1.81
C GLY A 337 -6.93 -3.65 3.24
N SER A 338 -6.41 -2.86 4.19
CA SER A 338 -6.71 -3.04 5.59
C SER A 338 -8.11 -2.60 6.04
N THR A 339 -8.79 -1.82 5.22
CA THR A 339 -10.20 -1.54 5.50
C THR A 339 -11.12 -2.71 5.28
N ARG A 340 -10.62 -3.84 4.76
CA ARG A 340 -11.41 -5.07 4.68
C ARG A 340 -11.64 -5.74 6.04
N ILE A 341 -10.85 -5.32 7.03
CA ILE A 341 -10.91 -5.86 8.35
C ILE A 341 -12.20 -5.44 9.05
N PRO A 342 -13.06 -6.41 9.44
CA PRO A 342 -14.37 -5.99 9.97
C PRO A 342 -14.37 -5.08 11.18
N LYS A 343 -13.42 -5.28 12.11
CA LYS A 343 -13.35 -4.42 13.31
C LYS A 343 -13.01 -2.97 12.95
N VAL A 344 -12.13 -2.79 11.98
CA VAL A 344 -11.84 -1.46 11.51
C VAL A 344 -13.10 -0.84 10.91
N GLN A 345 -13.82 -1.59 10.08
CA GLN A 345 -15.03 -1.05 9.46
C GLN A 345 -16.05 -0.71 10.56
N LYS A 346 -16.25 -1.64 11.49
CA LYS A 346 -17.21 -1.47 12.60
C LYS A 346 -16.95 -0.26 13.53
N LEU A 347 -15.69 0.02 13.82
CA LEU A 347 -15.29 1.14 14.68
C LEU A 347 -15.61 2.46 14.06
N LEU A 348 -15.41 2.50 12.76
CA LEU A 348 -15.67 3.66 11.96
C LEU A 348 -17.16 3.94 11.86
N GLN A 349 -17.93 2.87 11.71
CA GLN A 349 -19.39 2.93 11.64
C GLN A 349 -19.94 3.48 12.99
N ASP A 350 -19.63 2.82 14.10
CA ASP A 350 -19.96 3.34 15.46
C ASP A 350 -19.65 4.83 15.62
N PHE A 351 -18.47 5.25 15.15
CA PHE A 351 -18.03 6.62 15.27
C PHE A 351 -18.83 7.54 14.35
N PHE A 352 -19.21 7.09 13.14
CA PHE A 352 -20.13 7.89 12.26
C PHE A 352 -21.63 7.51 12.37
N ASN A 353 -22.02 7.01 13.55
CA ASN A 353 -23.42 6.85 13.96
C ASN A 353 -24.16 5.97 12.98
N GLY A 354 -23.62 4.76 12.78
N GLY A 354 -23.62 4.77 12.78
CA GLY A 354 -24.21 3.72 11.94
CA GLY A 354 -24.23 3.73 11.96
C GLY A 354 -24.38 3.99 10.46
C GLY A 354 -24.42 4.02 10.47
N ARG A 355 -23.71 5.00 9.91
CA ARG A 355 -23.83 5.30 8.47
C ARG A 355 -23.36 4.10 7.64
N ASP A 356 -24.04 3.85 6.52
CA ASP A 356 -23.62 2.83 5.55
C ASP A 356 -22.42 3.37 4.76
N LEU A 357 -21.43 2.50 4.55
CA LEU A 357 -20.10 2.84 4.01
C LEU A 357 -19.97 2.51 2.52
N ASN A 358 -19.29 3.36 1.76
CA ASN A 358 -18.96 3.05 0.35
C ASN A 358 -17.82 2.05 0.28
N LYS A 359 -18.15 0.78 0.04
CA LYS A 359 -17.13 -0.22 -0.25
C LYS A 359 -17.36 -1.02 -1.53
N SER A 360 -18.35 -0.66 -2.33
CA SER A 360 -18.60 -1.36 -3.60
C SER A 360 -17.35 -1.57 -4.48
N ILE A 361 -16.45 -0.59 -4.47
CA ILE A 361 -15.20 -0.73 -5.18
C ILE A 361 -14.17 -1.32 -4.21
N ASN A 362 -13.49 -2.40 -4.64
CA ASN A 362 -12.50 -3.08 -3.80
C ASN A 362 -11.55 -2.00 -3.33
N PRO A 363 -11.30 -1.92 -2.02
CA PRO A 363 -10.54 -0.75 -1.51
C PRO A 363 -9.05 -0.74 -1.89
N ASP A 364 -8.49 -1.90 -2.15
CA ASP A 364 -7.10 -1.96 -2.55
C ASP A 364 -6.92 -1.60 -4.05
N GLU A 365 -8.02 -1.58 -4.82
CA GLU A 365 -8.03 -1.20 -6.22
C GLU A 365 -8.52 0.26 -6.44
N ALA A 366 -8.99 0.93 -5.40
CA ALA A 366 -9.81 2.14 -5.63
C ALA A 366 -9.03 3.30 -6.24
N VAL A 367 -7.75 3.37 -5.90
CA VAL A 367 -6.85 4.44 -6.32
C VAL A 367 -6.55 4.29 -7.82
N ALA A 368 -6.18 3.07 -8.20
CA ALA A 368 -5.94 2.73 -9.61
C ALA A 368 -7.19 2.86 -10.43
N TYR A 369 -8.32 2.59 -9.82
CA TYR A 369 -9.63 2.71 -10.47
C TYR A 369 -9.79 4.16 -10.97
N GLY A 370 -9.72 5.09 -10.03
CA GLY A 370 -9.81 6.49 -10.35
C GLY A 370 -8.76 6.90 -11.35
N ALA A 371 -7.54 6.43 -11.11
CA ALA A 371 -6.39 6.80 -11.93
C ALA A 371 -6.67 6.44 -13.37
N ALA A 372 -7.26 5.25 -13.58
CA ALA A 372 -7.59 4.80 -14.94
C ALA A 372 -8.66 5.64 -15.62
N VAL A 373 -9.64 6.14 -14.86
CA VAL A 373 -10.76 6.92 -15.39
C VAL A 373 -10.19 8.24 -15.83
N GLN A 374 -9.37 8.84 -14.97
CA GLN A 374 -8.77 10.13 -15.27
C GLN A 374 -7.73 10.07 -16.39
N ALA A 375 -7.08 8.92 -16.53
CA ALA A 375 -6.17 8.71 -17.64
C ALA A 375 -6.91 8.78 -18.92
N ALA A 376 -8.02 8.05 -19.00
CA ALA A 376 -8.82 8.04 -20.23
C ALA A 376 -9.42 9.40 -20.55
N ILE A 377 -9.97 10.09 -19.56
CA ILE A 377 -10.36 11.52 -19.70
C ILE A 377 -9.23 12.37 -20.31
N LEU A 378 -8.04 12.29 -19.76
CA LEU A 378 -6.91 13.05 -20.30
C LEU A 378 -6.48 12.66 -21.70
N MET A 379 -6.79 11.45 -22.16
CA MET A 379 -6.51 11.10 -23.57
C MET A 379 -7.54 11.73 -24.51
N GLY A 380 -8.78 11.94 -24.05
CA GLY A 380 -9.83 12.52 -24.89
C GLY A 380 -10.46 11.53 -25.88
#